data_3K86
#
_entry.id   3K86
#
_cell.length_a   111.346
_cell.length_b   111.346
_cell.length_c   102.997
_cell.angle_alpha   90.000
_cell.angle_beta   90.000
_cell.angle_gamma   120.000
#
_symmetry.space_group_name_H-M   'H 3'
#
loop_
_entity.id
_entity.type
_entity.pdbx_description
1 polymer 'Chlorophenol-4-monooxygenase component 1'
2 water water
#
_entity_poly.entity_id   1
_entity_poly.type   'polypeptide(L)'
_entity_poly.pdbx_seq_one_letter_code
;MHAGEAVQQLKKAFETVASFDFRDALSKASTPVTVVATNGPFGLAGLTCSAVCSVCDRPPTVLLCINRKSYAAGIIKSNG
VLSVNWLAAGQAVISQTFAGVGSVPMEERFADKGWQTIATGAPYRMDAAVSFDCTIANIVDVGSHSVIFAEVVARNHAEE
CTPLIYHRRQYATTRSLAEHHHHHH
;
_entity_poly.pdbx_strand_id   A,B
#
# COMPACT_ATOMS: atom_id res chain seq x y z
N PHE A 14 22.54 1.44 12.30
CA PHE A 14 22.25 2.58 11.42
C PHE A 14 21.36 3.61 12.09
N GLU A 15 21.53 4.87 11.70
CA GLU A 15 20.58 5.92 12.07
C GLU A 15 19.45 6.04 11.03
N THR A 16 18.22 6.20 11.48
CA THR A 16 17.09 6.34 10.57
C THR A 16 17.13 7.74 9.93
N VAL A 17 16.56 7.89 8.74
CA VAL A 17 16.50 9.23 8.14
C VAL A 17 15.63 10.14 9.02
N ALA A 18 15.71 11.45 8.79
CA ALA A 18 14.85 12.44 9.43
C ALA A 18 13.40 12.24 8.97
N SER A 19 12.47 12.45 9.88
CA SER A 19 11.05 12.27 9.61
C SER A 19 10.65 13.21 8.51
N PHE A 20 11.28 14.39 8.50
CA PHE A 20 10.96 15.33 7.43
C PHE A 20 11.40 14.81 6.05
N ASP A 21 12.57 14.18 6.02
CA ASP A 21 13.14 13.65 4.80
C ASP A 21 12.27 12.49 4.32
N PHE A 22 11.87 11.63 5.26
CA PHE A 22 10.97 10.51 5.00
C PHE A 22 9.67 10.97 4.32
N ARG A 23 8.99 11.94 4.93
CA ARG A 23 7.76 12.47 4.35
C ARG A 23 8.01 13.13 3.01
N ASP A 24 9.15 13.81 2.86
CA ASP A 24 9.43 14.44 1.60
C ASP A 24 9.51 13.37 0.51
N ALA A 25 10.26 12.30 0.79
CA ALA A 25 10.45 11.21 -0.16
C ALA A 25 9.14 10.53 -0.51
N LEU A 26 8.31 10.32 0.51
CA LEU A 26 7.04 9.64 0.30
C LEU A 26 6.15 10.43 -0.65
N SER A 27 6.31 11.76 -0.71
CA SER A 27 5.49 12.54 -1.64
C SER A 27 5.86 12.24 -3.09
N LYS A 28 7.03 11.65 -3.30
CA LYS A 28 7.45 11.28 -4.67
C LYS A 28 7.00 9.88 -5.06
N ALA A 29 6.55 9.10 -4.08
CA ALA A 29 5.93 7.80 -4.43
C ALA A 29 4.45 8.04 -4.69
N SER A 30 3.75 7.12 -5.30
CA SER A 30 2.33 7.36 -5.51
C SER A 30 1.55 6.31 -4.71
N THR A 31 0.29 6.59 -4.43
CA THR A 31 -0.59 5.66 -3.72
C THR A 31 -1.98 5.73 -4.32
N PRO A 32 -2.79 4.69 -4.12
CA PRO A 32 -4.23 4.76 -4.38
C PRO A 32 -4.82 5.63 -3.29
N VAL A 33 -6.04 6.10 -3.45
CA VAL A 33 -6.68 6.85 -2.39
C VAL A 33 -7.85 6.04 -1.88
N THR A 34 -7.95 5.77 -0.57
CA THR A 34 -9.14 5.01 -0.10
C THR A 34 -9.83 5.84 0.97
N VAL A 35 -11.07 5.49 1.28
CA VAL A 35 -11.73 6.01 2.44
C VAL A 35 -12.01 4.80 3.27
N VAL A 36 -11.65 4.84 4.54
CA VAL A 36 -12.02 3.76 5.46
C VAL A 36 -13.20 4.25 6.29
N ALA A 37 -14.30 3.50 6.31
CA ALA A 37 -15.48 3.90 7.09
C ALA A 37 -15.97 2.79 8.01
N THR A 38 -16.84 3.17 8.93
CA THR A 38 -17.34 2.22 9.93
C THR A 38 -18.68 2.69 10.45
N ASN A 39 -19.46 1.74 10.98
CA ASN A 39 -20.67 2.11 11.73
C ASN A 39 -20.96 0.91 12.62
N GLY A 40 -21.77 1.09 13.65
CA GLY A 40 -22.04 0.02 14.61
C GLY A 40 -22.42 0.71 15.92
N PRO A 41 -22.30 0.04 17.07
CA PRO A 41 -22.72 0.58 18.35
C PRO A 41 -21.96 1.82 18.76
N PHE A 42 -20.75 2.03 18.26
CA PHE A 42 -19.99 3.21 18.64
C PHE A 42 -20.19 4.37 17.66
N GLY A 43 -21.02 4.14 16.67
CA GLY A 43 -21.38 5.23 15.77
C GLY A 43 -20.65 5.24 14.43
N LEU A 44 -20.85 6.33 13.71
CA LEU A 44 -20.52 6.44 12.30
C LEU A 44 -19.24 7.28 12.16
N ALA A 45 -18.30 6.86 11.32
CA ALA A 45 -17.06 7.65 11.15
C ALA A 45 -16.29 7.14 9.92
N GLY A 46 -15.37 7.94 9.41
CA GLY A 46 -14.53 7.51 8.31
C GLY A 46 -13.38 8.48 8.16
N LEU A 47 -12.37 8.06 7.41
CA LEU A 47 -11.26 8.95 7.10
C LEU A 47 -10.61 8.47 5.84
N THR A 48 -9.90 9.38 5.19
CA THR A 48 -9.12 9.00 4.03
C THR A 48 -7.84 8.31 4.49
N CYS A 49 -7.42 7.31 3.74
CA CYS A 49 -6.23 6.52 4.08
C CYS A 49 -5.56 6.11 2.78
N SER A 50 -4.28 6.45 2.63
CA SER A 50 -3.51 6.01 1.49
C SER A 50 -2.49 4.97 1.90
N ALA A 51 -2.45 4.55 3.16
CA ALA A 51 -1.53 3.49 3.57
C ALA A 51 -2.32 2.19 3.70
N VAL A 52 -2.56 1.54 2.58
CA VAL A 52 -3.43 0.35 2.55
C VAL A 52 -2.80 -0.67 1.64
N CYS A 53 -2.85 -1.96 1.95
CA CYS A 53 -2.48 -2.94 0.93
C CYS A 53 -3.09 -4.30 1.20
N SER A 54 -3.11 -5.17 0.19
CA SER A 54 -3.55 -6.54 0.44
C SER A 54 -2.44 -7.30 1.12
N VAL A 55 -2.85 -8.25 1.94
CA VAL A 55 -1.89 -9.08 2.67
C VAL A 55 -1.83 -10.49 2.06
N CYS A 56 -2.96 -11.19 2.01
CA CYS A 56 -2.97 -12.61 1.57
C CYS A 56 -4.40 -12.95 1.18
N ASP A 57 -4.59 -14.02 0.42
CA ASP A 57 -5.93 -14.30 -0.05
C ASP A 57 -6.63 -15.36 0.75
N ARG A 58 -5.93 -15.95 1.71
CA ARG A 58 -6.56 -16.98 2.55
C ARG A 58 -6.05 -17.01 4.00
N PRO A 59 -6.83 -16.48 4.95
CA PRO A 59 -8.13 -15.83 4.71
C PRO A 59 -7.89 -14.49 3.99
N PRO A 60 -8.84 -14.03 3.18
CA PRO A 60 -8.60 -12.79 2.41
C PRO A 60 -8.48 -11.60 3.38
N THR A 61 -7.34 -10.92 3.35
CA THR A 61 -6.94 -9.98 4.39
C THR A 61 -6.26 -8.81 3.74
N VAL A 62 -6.68 -7.62 4.15
CA VAL A 62 -6.01 -6.40 3.78
C VAL A 62 -5.48 -5.75 5.08
N LEU A 63 -4.61 -4.77 4.94
CA LEU A 63 -4.29 -3.95 6.11
C LEU A 63 -4.38 -2.46 5.77
N LEU A 64 -4.54 -1.64 6.80
CA LEU A 64 -4.59 -0.22 6.63
C LEU A 64 -3.91 0.39 7.84
N CYS A 65 -3.20 1.49 7.66
CA CYS A 65 -2.43 2.08 8.78
C CYS A 65 -3.00 3.45 9.06
N ILE A 66 -3.49 3.65 10.28
CA ILE A 66 -4.11 4.93 10.65
C ILE A 66 -3.57 5.38 12.00
N ASN A 67 -3.50 6.68 12.15
CA ASN A 67 -2.96 7.28 13.36
C ASN A 67 -3.96 7.05 14.48
N ARG A 68 -3.52 6.49 15.61
CA ARG A 68 -4.46 6.15 16.67
C ARG A 68 -5.11 7.36 17.31
N LYS A 69 -4.58 8.56 17.05
CA LYS A 69 -5.13 9.74 17.75
C LYS A 69 -6.46 10.24 17.19
N SER A 70 -6.85 9.76 16.01
CA SER A 70 -8.01 10.38 15.37
C SER A 70 -9.35 9.89 15.89
N TYR A 71 -10.35 10.75 15.73
CA TYR A 71 -11.74 10.43 15.97
C TYR A 71 -12.09 9.11 15.31
N ALA A 72 -11.87 8.99 13.99
CA ALA A 72 -12.34 7.77 13.33
C ALA A 72 -11.63 6.51 13.84
N ALA A 73 -10.33 6.62 14.17
CA ALA A 73 -9.59 5.42 14.59
C ALA A 73 -10.27 4.82 15.80
N GLY A 74 -10.61 5.70 16.75
CA GLY A 74 -11.30 5.28 17.97
C GLY A 74 -12.60 4.50 17.68
N ILE A 75 -13.42 5.04 16.80
CA ILE A 75 -14.71 4.42 16.51
C ILE A 75 -14.56 3.12 15.68
N ILE A 76 -13.67 3.16 14.69
CA ILE A 76 -13.36 1.93 13.89
C ILE A 76 -12.95 0.77 14.79
N LYS A 77 -12.02 1.04 15.67
CA LYS A 77 -11.47 -0.04 16.50
C LYS A 77 -12.46 -0.63 17.46
N SER A 78 -13.36 0.20 17.99
CA SER A 78 -14.38 -0.33 18.85
C SER A 78 -15.57 -0.98 18.14
N ASN A 79 -15.99 -0.43 17.00
CA ASN A 79 -17.00 -1.13 16.21
C ASN A 79 -16.45 -2.50 15.78
N GLY A 80 -15.16 -2.62 15.50
CA GLY A 80 -14.59 -3.93 15.10
C GLY A 80 -14.89 -4.33 13.64
N VAL A 81 -15.58 -3.45 12.91
CA VAL A 81 -15.86 -3.67 11.47
C VAL A 81 -15.60 -2.38 10.72
N LEU A 82 -15.32 -2.49 9.42
CA LEU A 82 -15.01 -1.30 8.64
C LEU A 82 -15.11 -1.65 7.17
N SER A 83 -15.20 -0.63 6.33
CA SER A 83 -15.02 -0.82 4.90
C SER A 83 -13.77 -0.13 4.43
N VAL A 84 -13.17 -0.66 3.37
CA VAL A 84 -12.06 -0.01 2.70
C VAL A 84 -12.56 0.25 1.28
N ASN A 85 -12.48 1.50 0.84
CA ASN A 85 -13.14 1.91 -0.41
C ASN A 85 -12.11 2.61 -1.28
N TRP A 86 -11.63 1.91 -2.31
CA TRP A 86 -10.68 2.49 -3.25
C TRP A 86 -11.45 3.42 -4.18
N LEU A 87 -11.10 4.68 -4.14
CA LEU A 87 -11.91 5.71 -4.81
C LEU A 87 -11.56 5.70 -6.29
N ALA A 88 -12.54 6.10 -7.10
CA ALA A 88 -12.40 6.19 -8.56
C ALA A 88 -12.01 7.61 -8.92
N ALA A 89 -11.54 7.79 -10.16
CA ALA A 89 -11.02 9.08 -10.63
C ALA A 89 -11.94 10.27 -10.38
N GLY A 90 -13.24 10.05 -10.46
CA GLY A 90 -14.15 11.19 -10.31
C GLY A 90 -14.51 11.54 -8.85
N GLN A 91 -13.79 10.96 -7.88
CA GLN A 91 -14.23 11.06 -6.47
C GLN A 91 -13.28 11.83 -5.57
N ALA A 92 -12.49 12.74 -6.14
CA ALA A 92 -11.58 13.54 -5.33
C ALA A 92 -12.36 14.31 -4.25
N VAL A 93 -13.58 14.72 -4.53
CA VAL A 93 -14.27 15.47 -3.47
C VAL A 93 -14.52 14.56 -2.21
N ILE A 94 -14.83 13.28 -2.42
CA ILE A 94 -15.01 12.36 -1.29
C ILE A 94 -13.72 12.26 -0.50
N SER A 95 -12.59 12.12 -1.18
CA SER A 95 -11.30 12.07 -0.48
C SER A 95 -11.04 13.33 0.31
N GLN A 96 -11.33 14.50 -0.28
CA GLN A 96 -11.12 15.76 0.42
C GLN A 96 -11.93 15.84 1.74
N THR A 97 -13.22 15.51 1.64
CA THR A 97 -14.10 15.54 2.79
C THR A 97 -13.59 14.62 3.90
N PHE A 98 -13.19 13.41 3.54
CA PHE A 98 -12.76 12.46 4.58
C PHE A 98 -11.30 12.73 5.04
N ALA A 99 -10.65 13.68 4.37
CA ALA A 99 -9.33 14.12 4.86
C ALA A 99 -9.45 15.36 5.70
N GLY A 100 -10.69 15.81 5.90
CA GLY A 100 -10.93 16.95 6.77
C GLY A 100 -10.94 18.28 6.02
N VAL A 101 -10.79 18.24 4.69
CA VAL A 101 -10.84 19.49 3.93
C VAL A 101 -12.24 20.11 4.04
N GLY A 102 -12.32 21.38 4.42
CA GLY A 102 -13.62 21.98 4.64
C GLY A 102 -14.22 21.66 6.01
N SER A 103 -13.54 20.83 6.82
CA SER A 103 -13.99 20.55 8.18
C SER A 103 -15.44 20.11 8.27
N VAL A 104 -15.83 19.17 7.43
CA VAL A 104 -17.18 18.62 7.52
C VAL A 104 -17.31 17.75 8.77
N PRO A 105 -18.29 18.05 9.66
CA PRO A 105 -18.48 17.28 10.90
C PRO A 105 -18.62 15.79 10.57
N MET A 106 -18.02 14.94 11.40
CA MET A 106 -17.86 13.53 11.03
C MET A 106 -19.16 12.92 10.57
N GLU A 107 -20.22 13.10 11.32
CA GLU A 107 -21.49 12.44 11.00
C GLU A 107 -22.27 13.03 9.83
N GLU A 108 -21.80 14.15 9.29
CA GLU A 108 -22.45 14.79 8.12
C GLU A 108 -21.77 14.35 6.84
N ARG A 109 -20.81 13.44 6.99
CA ARG A 109 -19.96 13.09 5.86
C ARG A 109 -20.60 12.01 4.96
N PHE A 110 -21.66 11.40 5.45
CA PHE A 110 -22.29 10.25 4.78
C PHE A 110 -23.69 10.51 4.16
N ALA A 111 -23.96 11.78 3.85
CA ALA A 111 -25.27 12.20 3.33
C ALA A 111 -25.80 11.40 2.14
N ASP A 112 -24.99 11.25 1.10
CA ASP A 112 -25.54 10.69 -0.14
C ASP A 112 -25.79 9.16 -0.22
N LYS A 113 -26.54 8.81 -1.26
CA LYS A 113 -27.05 7.45 -1.44
C LYS A 113 -25.95 6.49 -1.88
N GLY A 114 -24.78 7.03 -2.25
CA GLY A 114 -23.65 6.21 -2.63
C GLY A 114 -23.14 5.31 -1.51
N TRP A 115 -23.48 5.67 -0.26
CA TRP A 115 -23.02 4.90 0.91
C TRP A 115 -24.15 3.95 1.34
N GLN A 116 -23.91 2.63 1.30
CA GLN A 116 -24.94 1.65 1.76
C GLN A 116 -24.30 0.54 2.58
N THR A 117 -25.10 -0.17 3.38
CA THR A 117 -24.50 -1.28 4.12
C THR A 117 -24.48 -2.50 3.20
N ILE A 118 -23.63 -3.47 3.48
CA ILE A 118 -23.61 -4.76 2.76
C ILE A 118 -23.71 -5.86 3.75
N ALA A 119 -22.63 -6.18 4.44
CA ALA A 119 -22.72 -7.26 5.41
C ALA A 119 -22.56 -6.81 6.88
N THR A 120 -21.58 -5.96 7.19
CA THR A 120 -21.22 -5.76 8.59
C THR A 120 -21.98 -4.62 9.25
N GLY A 121 -22.56 -3.75 8.43
CA GLY A 121 -23.19 -2.54 8.96
C GLY A 121 -22.27 -1.36 8.71
N ALA A 122 -20.97 -1.59 8.43
CA ALA A 122 -20.12 -0.47 7.96
C ALA A 122 -20.69 0.13 6.67
N PRO A 123 -20.63 1.48 6.51
CA PRO A 123 -21.05 2.07 5.21
C PRO A 123 -20.04 1.72 4.12
N TYR A 124 -20.51 1.24 2.97
CA TYR A 124 -19.66 0.86 1.83
C TYR A 124 -19.97 1.83 0.71
N ARG A 125 -18.94 2.32 0.05
CA ARG A 125 -19.14 3.28 -1.04
C ARG A 125 -19.42 2.49 -2.33
N MET A 126 -20.68 2.43 -2.74
CA MET A 126 -21.09 1.48 -3.80
C MET A 126 -20.66 1.90 -5.19
N ASP A 127 -20.29 3.15 -5.37
CA ASP A 127 -19.71 3.55 -6.65
C ASP A 127 -18.17 3.72 -6.54
N ALA A 128 -17.53 3.17 -5.50
CA ALA A 128 -16.05 3.20 -5.45
C ALA A 128 -15.54 2.14 -6.40
N ALA A 129 -14.31 2.30 -6.89
CA ALA A 129 -13.72 1.26 -7.76
C ALA A 129 -13.73 -0.11 -7.13
N VAL A 130 -13.47 -0.16 -5.82
CA VAL A 130 -13.50 -1.41 -5.07
C VAL A 130 -13.95 -1.08 -3.63
N SER A 131 -14.88 -1.84 -3.10
CA SER A 131 -15.29 -1.67 -1.71
C SER A 131 -15.23 -3.02 -1.08
N PHE A 132 -14.47 -3.12 0.02
CA PHE A 132 -14.43 -4.35 0.80
C PHE A 132 -15.09 -4.05 2.11
N ASP A 133 -16.00 -4.92 2.53
CA ASP A 133 -16.64 -4.83 3.84
C ASP A 133 -15.91 -5.86 4.73
N CYS A 134 -15.50 -5.45 5.93
CA CYS A 134 -14.44 -6.22 6.67
C CYS A 134 -14.69 -6.31 8.16
N THR A 135 -14.12 -7.34 8.77
CA THR A 135 -14.06 -7.45 10.21
C THR A 135 -12.58 -7.34 10.64
N ILE A 136 -12.32 -6.63 11.73
CA ILE A 136 -10.94 -6.46 12.22
C ILE A 136 -10.44 -7.78 12.78
N ALA A 137 -9.29 -8.25 12.32
CA ALA A 137 -8.78 -9.54 12.77
C ALA A 137 -7.60 -9.38 13.74
N ASN A 138 -6.85 -8.30 13.63
CA ASN A 138 -5.62 -8.16 14.39
C ASN A 138 -5.16 -6.73 14.25
N ILE A 139 -4.43 -6.26 15.27
CA ILE A 139 -3.88 -4.90 15.19
C ILE A 139 -2.44 -4.90 15.68
N VAL A 140 -1.56 -4.31 14.88
CA VAL A 140 -0.15 -4.17 15.29
C VAL A 140 0.15 -2.69 15.42
N ASP A 141 0.56 -2.23 16.61
CA ASP A 141 0.92 -0.83 16.77
C ASP A 141 2.38 -0.51 16.45
N VAL A 142 2.60 0.54 15.68
CA VAL A 142 3.94 0.91 15.30
C VAL A 142 4.01 2.43 15.32
N GLY A 143 4.90 2.96 16.15
CA GLY A 143 4.94 4.44 16.32
C GLY A 143 3.54 5.00 16.59
N SER A 144 3.15 6.04 15.87
CA SER A 144 1.89 6.72 16.11
C SER A 144 0.72 5.92 15.52
N HIS A 145 0.99 4.85 14.79
CA HIS A 145 -0.07 4.25 13.95
C HIS A 145 -0.48 2.87 14.40
N SER A 146 -1.76 2.56 14.23
CA SER A 146 -2.26 1.21 14.38
C SER A 146 -2.32 0.59 12.96
N VAL A 147 -1.71 -0.56 12.82
CA VAL A 147 -1.79 -1.30 11.56
C VAL A 147 -2.87 -2.34 11.77
N ILE A 148 -3.99 -2.14 11.10
CA ILE A 148 -5.18 -2.93 11.33
C ILE A 148 -5.31 -3.93 10.19
N PHE A 149 -5.34 -5.21 10.55
CA PHE A 149 -5.57 -6.30 9.63
C PHE A 149 -7.04 -6.59 9.62
N ALA A 150 -7.63 -6.58 8.43
CA ALA A 150 -9.09 -6.71 8.33
C ALA A 150 -9.41 -7.81 7.31
N GLU A 151 -10.30 -8.74 7.67
CA GLU A 151 -10.69 -9.86 6.80
C GLU A 151 -11.92 -9.46 6.00
N VAL A 152 -11.95 -9.85 4.73
CA VAL A 152 -12.94 -9.28 3.81
C VAL A 152 -14.13 -10.22 3.83
N VAL A 153 -15.29 -9.70 4.19
CA VAL A 153 -16.49 -10.52 4.23
C VAL A 153 -17.51 -10.13 3.13
N ALA A 154 -17.29 -9.05 2.39
CA ALA A 154 -18.10 -8.80 1.19
C ALA A 154 -17.35 -7.84 0.29
N ARG A 155 -17.67 -7.81 -1.00
CA ARG A 155 -17.02 -6.87 -1.92
C ARG A 155 -18.06 -6.22 -2.83
N ASN A 156 -17.68 -5.10 -3.44
CA ASN A 156 -18.51 -4.41 -4.44
C ASN A 156 -17.61 -3.63 -5.37
N HIS A 157 -18.07 -3.41 -6.61
CA HIS A 157 -17.33 -2.63 -7.62
C HIS A 157 -18.24 -1.76 -8.45
N ALA A 158 -17.86 -0.49 -8.63
CA ALA A 158 -18.54 0.34 -9.61
C ALA A 158 -18.32 -0.26 -10.99
N GLU A 159 -19.12 0.15 -11.95
CA GLU A 159 -18.84 -0.26 -13.31
C GLU A 159 -17.46 0.32 -13.64
N GLU A 160 -16.70 -0.42 -14.41
CA GLU A 160 -15.31 -0.08 -14.71
C GLU A 160 -15.02 1.43 -14.81
N CYS A 161 -13.84 1.81 -14.35
CA CYS A 161 -13.53 3.21 -14.10
C CYS A 161 -12.04 3.28 -13.76
N THR A 162 -11.44 4.45 -13.79
CA THR A 162 -10.05 4.46 -13.44
C THR A 162 -9.84 4.89 -11.96
N PRO A 163 -8.62 4.69 -11.43
CA PRO A 163 -8.39 4.96 -10.00
C PRO A 163 -8.13 6.42 -9.67
N LEU A 164 -8.48 6.84 -8.46
CA LEU A 164 -7.96 8.07 -7.91
C LEU A 164 -6.58 7.75 -7.32
N ILE A 165 -5.60 8.50 -7.73
CA ILE A 165 -4.23 8.26 -7.32
C ILE A 165 -3.75 9.53 -6.62
N TYR A 166 -2.84 9.41 -5.67
CA TYR A 166 -2.26 10.60 -5.05
C TYR A 166 -0.76 10.56 -5.29
N HIS A 167 -0.19 11.67 -5.77
CA HIS A 167 1.24 11.72 -6.12
C HIS A 167 1.71 13.18 -6.10
N ARG A 168 2.80 13.45 -5.37
CA ARG A 168 3.39 14.78 -5.31
C ARG A 168 2.32 15.77 -4.85
N ARG A 169 1.55 15.36 -3.85
CA ARG A 169 0.58 16.20 -3.18
C ARG A 169 -0.55 16.71 -4.08
N GLN A 170 -0.85 15.96 -5.13
CA GLN A 170 -2.02 16.23 -5.96
C GLN A 170 -2.69 14.92 -6.35
N TYR A 171 -3.94 15.03 -6.74
CA TYR A 171 -4.72 13.90 -7.24
C TYR A 171 -4.40 13.72 -8.71
N ALA A 172 -4.56 12.48 -9.19
CA ALA A 172 -4.28 12.13 -10.56
C ALA A 172 -5.07 10.88 -10.84
N THR A 173 -5.09 10.44 -12.10
CA THR A 173 -5.58 9.12 -12.43
C THR A 173 -4.60 8.47 -13.39
N THR A 174 -4.97 7.33 -13.96
CA THR A 174 -4.01 6.59 -14.76
C THR A 174 -4.15 6.84 -16.26
N ARG A 175 -3.09 6.55 -16.99
CA ARG A 175 -3.11 6.42 -18.46
C ARG A 175 -2.12 5.32 -18.85
N SER A 176 -2.31 4.74 -20.02
CA SER A 176 -1.39 3.71 -20.52
C SER A 176 0.00 4.31 -20.77
N LEU A 177 1.03 3.46 -20.79
CA LEU A 177 2.41 3.96 -20.84
C LEU A 177 2.79 4.82 -22.06
N PHE B 14 -19.78 -13.61 10.44
CA PHE B 14 -19.47 -13.35 9.03
C PHE B 14 -18.44 -14.32 8.43
N GLU B 15 -18.81 -14.93 7.30
CA GLU B 15 -17.87 -15.75 6.52
C GLU B 15 -17.01 -14.88 5.60
N THR B 16 -15.75 -15.25 5.35
CA THR B 16 -14.92 -14.39 4.49
C THR B 16 -15.29 -14.69 3.01
N VAL B 17 -15.06 -13.73 2.10
CA VAL B 17 -15.29 -13.96 0.66
C VAL B 17 -14.39 -15.06 0.11
N ALA B 18 -14.83 -15.70 -0.95
CA ALA B 18 -13.98 -16.68 -1.59
C ALA B 18 -12.65 -16.02 -1.98
N SER B 19 -11.57 -16.75 -1.88
CA SER B 19 -10.26 -16.24 -2.26
C SER B 19 -10.27 -15.79 -3.76
N PHE B 20 -10.97 -16.53 -4.62
CA PHE B 20 -11.08 -16.10 -6.01
C PHE B 20 -11.73 -14.69 -6.17
N ASP B 21 -12.79 -14.42 -5.43
CA ASP B 21 -13.41 -13.08 -5.41
C ASP B 21 -12.49 -11.96 -4.93
N PHE B 22 -11.78 -12.22 -3.85
CA PHE B 22 -10.80 -11.25 -3.34
C PHE B 22 -9.77 -10.93 -4.40
N ARG B 23 -9.18 -11.95 -5.06
CA ARG B 23 -8.14 -11.68 -6.04
C ARG B 23 -8.75 -10.85 -7.19
N ASP B 24 -9.97 -11.21 -7.61
CA ASP B 24 -10.60 -10.51 -8.75
C ASP B 24 -10.77 -9.01 -8.38
N ALA B 25 -11.29 -8.76 -7.17
CA ALA B 25 -11.47 -7.40 -6.68
C ALA B 25 -10.17 -6.62 -6.67
N LEU B 26 -9.08 -7.24 -6.19
CA LEU B 26 -7.80 -6.56 -6.14
C LEU B 26 -7.31 -6.09 -7.53
N SER B 27 -7.67 -6.83 -8.60
CA SER B 27 -7.18 -6.46 -9.95
C SER B 27 -7.82 -5.12 -10.35
N LYS B 28 -8.94 -4.78 -9.72
CA LYS B 28 -9.60 -3.51 -9.99
C LYS B 28 -9.12 -2.36 -9.14
N ALA B 29 -8.28 -2.65 -8.14
CA ALA B 29 -7.64 -1.57 -7.37
C ALA B 29 -6.38 -1.22 -8.11
N SER B 30 -5.68 -0.16 -7.74
CA SER B 30 -4.38 0.06 -8.40
C SER B 30 -3.28 0.12 -7.33
N THR B 31 -2.04 -0.11 -7.75
CA THR B 31 -0.90 -0.09 -6.82
C THR B 31 0.31 0.51 -7.51
N PRO B 32 1.23 1.13 -6.74
CA PRO B 32 2.50 1.54 -7.35
C PRO B 32 3.30 0.25 -7.61
N VAL B 33 4.20 0.25 -8.59
CA VAL B 33 5.02 -0.95 -8.82
C VAL B 33 6.34 -0.74 -8.08
N THR B 34 6.72 -1.67 -7.19
CA THR B 34 8.03 -1.58 -6.55
C THR B 34 8.86 -2.83 -6.79
N VAL B 35 10.15 -2.68 -6.61
CA VAL B 35 11.02 -3.87 -6.50
C VAL B 35 11.64 -3.82 -5.11
N VAL B 36 11.60 -4.95 -4.40
CA VAL B 36 12.19 -5.06 -3.08
C VAL B 36 13.45 -5.87 -3.32
N ALA B 37 14.58 -5.35 -2.88
CA ALA B 37 15.83 -6.04 -3.12
C ALA B 37 16.64 -6.20 -1.84
N THR B 38 17.59 -7.15 -1.84
CA THR B 38 18.44 -7.33 -0.67
C THR B 38 19.82 -7.83 -1.05
N ASN B 39 20.76 -7.73 -0.12
CA ASN B 39 22.04 -8.45 -0.26
C ASN B 39 22.59 -8.60 1.11
N GLY B 40 23.51 -9.52 1.26
CA GLY B 40 24.13 -9.81 2.54
C GLY B 40 24.67 -11.22 2.51
N PRO B 41 24.92 -11.78 3.68
CA PRO B 41 25.53 -13.12 3.72
C PRO B 41 24.70 -14.20 3.01
N PHE B 42 23.39 -14.02 2.88
CA PHE B 42 22.57 -15.04 2.24
C PHE B 42 22.41 -14.75 0.76
N GLY B 43 23.02 -13.67 0.28
CA GLY B 43 23.12 -13.51 -1.19
C GLY B 43 22.16 -12.41 -1.69
N LEU B 44 22.14 -12.25 -2.99
CA LEU B 44 21.46 -11.18 -3.67
C LEU B 44 20.08 -11.71 -4.06
N ALA B 45 19.06 -10.88 -3.96
CA ALA B 45 17.74 -11.31 -4.44
C ALA B 45 16.84 -10.10 -4.46
N GLY B 46 15.80 -10.15 -5.28
CA GLY B 46 14.82 -9.10 -5.28
C GLY B 46 13.60 -9.65 -5.95
N LEU B 47 12.48 -8.96 -5.79
CA LEU B 47 11.26 -9.36 -6.46
C LEU B 47 10.34 -8.16 -6.55
N THR B 48 9.41 -8.24 -7.50
CA THR B 48 8.44 -7.19 -7.65
C THR B 48 7.40 -7.29 -6.50
N CYS B 49 6.90 -6.16 -6.01
CA CYS B 49 6.00 -6.19 -4.85
C CYS B 49 4.91 -5.12 -4.99
N SER B 50 3.67 -5.56 -4.98
CA SER B 50 2.54 -4.65 -5.14
C SER B 50 1.85 -4.39 -3.81
N ALA B 51 2.51 -4.75 -2.70
CA ALA B 51 1.85 -4.55 -1.40
C ALA B 51 2.84 -3.90 -0.49
N VAL B 52 2.92 -2.58 -0.58
CA VAL B 52 3.86 -1.81 0.24
C VAL B 52 3.12 -0.59 0.70
N CYS B 53 3.41 -0.14 1.91
CA CYS B 53 2.92 1.15 2.35
C CYS B 53 3.76 1.76 3.47
N SER B 54 3.56 3.05 3.70
CA SER B 54 4.29 3.72 4.75
C SER B 54 3.49 3.52 6.01
N VAL B 55 4.18 3.42 7.13
CA VAL B 55 3.53 3.01 8.38
C VAL B 55 3.48 4.23 9.31
N CYS B 56 4.63 4.77 9.66
CA CYS B 56 4.71 5.89 10.60
C CYS B 56 6.00 6.63 10.33
N ASP B 57 6.15 7.84 10.82
CA ASP B 57 7.37 8.56 10.47
C ASP B 57 8.40 8.64 11.58
N ARG B 58 8.10 8.06 12.74
CA ARG B 58 9.05 8.06 13.83
C ARG B 58 8.92 6.80 14.69
N PRO B 59 9.86 5.85 14.56
CA PRO B 59 10.89 5.85 13.51
C PRO B 59 10.23 5.66 12.13
N PRO B 60 10.84 6.22 11.10
CA PRO B 60 10.27 6.12 9.76
C PRO B 60 10.29 4.66 9.30
N THR B 61 9.09 4.17 9.07
CA THR B 61 8.86 2.74 8.88
C THR B 61 7.92 2.56 7.70
N VAL B 62 8.29 1.59 6.86
CA VAL B 62 7.41 1.09 5.82
C VAL B 62 7.15 -0.40 6.06
N LEU B 63 6.14 -0.97 5.39
CA LEU B 63 5.95 -2.41 5.41
C LEU B 63 5.76 -2.92 3.98
N LEU B 64 6.06 -4.20 3.79
CA LEU B 64 5.85 -4.82 2.53
C LEU B 64 5.42 -6.24 2.84
N CYS B 65 4.58 -6.78 1.99
CA CYS B 65 4.05 -8.11 2.18
C CYS B 65 4.52 -8.95 1.03
N ILE B 66 5.20 -10.05 1.35
CA ILE B 66 5.70 -10.91 0.29
C ILE B 66 5.40 -12.36 0.60
N ASN B 67 5.14 -13.11 -0.46
CA ASN B 67 4.80 -14.51 -0.30
C ASN B 67 5.98 -15.31 0.24
N ARG B 68 5.79 -16.05 1.33
CA ARG B 68 6.86 -16.82 1.96
C ARG B 68 7.53 -17.86 1.07
N LYS B 69 6.80 -18.35 0.08
CA LYS B 69 7.30 -19.30 -0.91
C LYS B 69 8.29 -18.68 -1.94
N SER B 70 8.42 -17.36 -1.99
CA SER B 70 9.41 -16.78 -2.92
C SER B 70 10.79 -17.19 -2.52
N TYR B 71 11.60 -17.43 -3.53
CA TYR B 71 13.04 -17.64 -3.37
C TYR B 71 13.63 -16.41 -2.69
N ALA B 72 13.19 -15.24 -3.12
CA ALA B 72 13.73 -14.02 -2.56
C ALA B 72 13.33 -13.83 -1.09
N ALA B 73 12.18 -14.35 -0.68
CA ALA B 73 11.65 -13.96 0.64
C ALA B 73 12.57 -14.45 1.74
N GLY B 74 13.04 -15.69 1.67
CA GLY B 74 13.91 -16.20 2.73
C GLY B 74 15.22 -15.46 2.77
N ILE B 75 15.80 -15.14 1.61
CA ILE B 75 17.07 -14.39 1.56
C ILE B 75 16.90 -12.97 2.16
N ILE B 76 15.84 -12.27 1.75
CA ILE B 76 15.53 -10.97 2.34
C ILE B 76 15.45 -11.10 3.88
N LYS B 77 14.68 -12.07 4.38
CA LYS B 77 14.47 -12.12 5.85
C LYS B 77 15.75 -12.52 6.60
N SER B 78 16.54 -13.45 6.03
CA SER B 78 17.80 -13.83 6.67
C SER B 78 18.89 -12.73 6.59
N ASN B 79 18.93 -11.97 5.49
CA ASN B 79 19.88 -10.86 5.39
C ASN B 79 19.51 -9.76 6.35
N GLY B 80 18.22 -9.54 6.60
CA GLY B 80 17.87 -8.54 7.62
C GLY B 80 17.87 -7.09 7.12
N VAL B 81 18.18 -6.90 5.83
CA VAL B 81 18.20 -5.55 5.24
C VAL B 81 17.54 -5.61 3.86
N LEU B 82 17.01 -4.51 3.38
CA LEU B 82 16.34 -4.52 2.09
C LEU B 82 16.14 -3.10 1.60
N SER B 83 15.89 -2.96 0.31
CA SER B 83 15.47 -1.67 -0.24
C SER B 83 14.08 -1.80 -0.82
N VAL B 84 13.33 -0.70 -0.81
CA VAL B 84 12.05 -0.64 -1.51
C VAL B 84 12.24 0.40 -2.58
N ASN B 85 11.98 0.02 -3.82
CA ASN B 85 12.28 0.91 -4.94
C ASN B 85 11.00 1.14 -5.72
N TRP B 86 10.47 2.34 -5.63
CA TRP B 86 9.25 2.67 -6.36
C TRP B 86 9.68 3.03 -7.77
N LEU B 87 9.26 2.24 -8.74
CA LEU B 87 9.74 2.41 -10.12
C LEU B 87 9.07 3.57 -10.85
N ALA B 88 9.80 4.16 -11.81
CA ALA B 88 9.28 5.26 -12.61
C ALA B 88 8.64 4.73 -13.88
N ALA B 89 7.87 5.60 -14.55
CA ALA B 89 7.06 5.19 -15.70
C ALA B 89 7.85 4.48 -16.77
N GLY B 90 9.13 4.85 -16.95
CA GLY B 90 9.97 4.22 -17.97
C GLY B 90 10.64 2.89 -17.59
N GLN B 91 10.27 2.34 -16.44
CA GLN B 91 11.01 1.20 -15.94
C GLN B 91 10.24 -0.11 -15.93
N ALA B 92 9.25 -0.24 -16.81
CA ALA B 92 8.51 -1.50 -16.87
C ALA B 92 9.43 -2.71 -17.10
N VAL B 93 10.53 -2.52 -17.82
CA VAL B 93 11.40 -3.70 -18.00
C VAL B 93 12.04 -4.21 -16.70
N ILE B 94 12.36 -3.31 -15.77
CA ILE B 94 12.84 -3.76 -14.46
C ILE B 94 11.75 -4.56 -13.69
N SER B 95 10.53 -4.03 -13.69
CA SER B 95 9.42 -4.74 -13.06
C SER B 95 9.32 -6.13 -13.66
N GLN B 96 9.25 -6.20 -14.99
CA GLN B 96 9.17 -7.47 -15.71
C GLN B 96 10.26 -8.47 -15.30
N THR B 97 11.50 -8.03 -15.40
CA THR B 97 12.63 -8.84 -14.94
C THR B 97 12.49 -9.39 -13.51
N PHE B 98 12.03 -8.57 -12.58
CA PHE B 98 11.94 -9.01 -11.17
C PHE B 98 10.63 -9.72 -10.82
N ALA B 99 9.77 -9.82 -11.81
CA ALA B 99 8.57 -10.64 -11.67
C ALA B 99 8.86 -11.98 -12.32
N GLY B 100 10.10 -12.12 -12.78
CA GLY B 100 10.60 -13.38 -13.28
C GLY B 100 10.47 -13.59 -14.78
N VAL B 101 10.02 -12.57 -15.50
CA VAL B 101 9.97 -12.66 -16.96
C VAL B 101 11.36 -12.80 -17.56
N GLY B 102 11.60 -13.87 -18.32
CA GLY B 102 12.89 -14.06 -18.97
C GLY B 102 13.84 -14.86 -18.10
N SER B 103 13.34 -15.24 -16.93
CA SER B 103 14.09 -16.09 -16.01
C SER B 103 15.54 -15.63 -15.77
N VAL B 104 15.76 -14.32 -15.69
CA VAL B 104 17.11 -13.77 -15.54
C VAL B 104 17.71 -14.19 -14.21
N PRO B 105 18.94 -14.73 -14.23
CA PRO B 105 19.51 -15.17 -12.94
C PRO B 105 19.58 -13.99 -11.97
N MET B 106 19.35 -14.30 -10.70
CA MET B 106 19.19 -13.30 -9.66
C MET B 106 20.37 -12.31 -9.61
N GLU B 107 21.60 -12.81 -9.48
CA GLU B 107 22.76 -11.92 -9.42
C GLU B 107 22.86 -11.02 -10.63
N GLU B 108 22.56 -11.57 -11.80
CA GLU B 108 22.66 -10.82 -13.04
C GLU B 108 21.64 -9.66 -13.10
N ARG B 109 20.49 -9.84 -12.45
CA ARG B 109 19.52 -8.72 -12.34
C ARG B 109 20.13 -7.43 -11.75
N PHE B 110 21.17 -7.60 -10.92
CA PHE B 110 21.80 -6.46 -10.25
C PHE B 110 23.11 -5.99 -10.94
N ALA B 111 23.45 -6.56 -12.09
CA ALA B 111 24.76 -6.26 -12.74
C ALA B 111 24.81 -4.83 -13.24
N ASP B 112 23.65 -4.36 -13.70
CA ASP B 112 23.50 -3.02 -14.25
C ASP B 112 23.90 -1.99 -13.22
N LYS B 113 24.62 -0.96 -13.63
CA LYS B 113 25.20 -0.04 -12.64
C LYS B 113 24.20 0.97 -12.03
N GLY B 114 22.95 0.97 -12.48
CA GLY B 114 21.95 1.78 -11.81
C GLY B 114 21.61 1.19 -10.44
N TRP B 115 22.03 -0.06 -10.20
CA TRP B 115 21.89 -0.67 -8.88
C TRP B 115 23.17 -0.44 -8.07
N GLN B 116 23.04 0.23 -6.92
CA GLN B 116 24.18 0.52 -6.06
C GLN B 116 23.83 0.31 -4.60
N THR B 117 24.84 0.18 -3.74
CA THR B 117 24.55 0.22 -2.32
C THR B 117 24.53 1.66 -1.89
N ILE B 118 23.88 1.91 -0.75
CA ILE B 118 23.85 3.21 -0.10
C ILE B 118 24.36 3.04 1.29
N ALA B 119 23.56 2.45 2.19
CA ALA B 119 23.94 2.31 3.59
C ALA B 119 23.95 0.88 4.11
N THR B 120 22.92 0.09 3.85
CA THR B 120 22.88 -1.24 4.43
C THR B 120 23.65 -2.32 3.71
N GLY B 121 23.95 -2.13 2.43
CA GLY B 121 24.41 -3.20 1.57
C GLY B 121 23.32 -3.73 0.61
N ALA B 122 22.05 -3.43 0.90
CA ALA B 122 21.00 -3.80 -0.07
C ALA B 122 21.21 -3.03 -1.38
N PRO B 123 20.97 -3.65 -2.54
CA PRO B 123 21.02 -2.96 -3.84
C PRO B 123 19.90 -1.92 -3.89
N TYR B 124 20.24 -0.67 -4.17
CA TYR B 124 19.28 0.47 -4.27
C TYR B 124 19.22 0.84 -5.75
N ARG B 125 18.01 1.03 -6.30
CA ARG B 125 17.92 1.43 -7.71
C ARG B 125 17.95 2.96 -7.78
N MET B 126 19.09 3.50 -8.17
CA MET B 126 19.36 4.91 -7.92
C MET B 126 18.50 5.82 -8.81
N ASP B 127 17.98 5.25 -9.89
CA ASP B 127 17.16 6.02 -10.79
C ASP B 127 15.69 5.73 -10.55
N ALA B 128 15.33 5.08 -9.46
CA ALA B 128 13.91 4.77 -9.27
C ALA B 128 13.29 6.05 -8.81
N ALA B 129 11.98 6.20 -8.96
CA ALA B 129 11.34 7.39 -8.43
C ALA B 129 11.70 7.59 -6.98
N VAL B 130 11.66 6.50 -6.20
CA VAL B 130 12.03 6.61 -4.79
C VAL B 130 12.68 5.29 -4.42
N SER B 131 13.80 5.38 -3.70
CA SER B 131 14.43 4.20 -3.18
C SER B 131 14.69 4.44 -1.72
N PHE B 132 14.19 3.55 -0.87
CA PHE B 132 14.50 3.56 0.56
C PHE B 132 15.37 2.37 0.91
N ASP B 133 16.48 2.65 1.56
CA ASP B 133 17.36 1.65 2.11
C ASP B 133 17.01 1.39 3.58
N CYS B 134 16.80 0.11 3.94
CA CYS B 134 16.11 -0.21 5.21
C CYS B 134 16.67 -1.37 5.97
N THR B 135 16.48 -1.36 7.29
CA THR B 135 16.75 -2.52 8.14
C THR B 135 15.42 -3.11 8.61
N ILE B 136 15.34 -4.43 8.60
CA ILE B 136 14.12 -5.07 9.03
C ILE B 136 14.01 -4.89 10.54
N ALA B 137 12.83 -4.51 11.02
CA ALA B 137 12.57 -4.36 12.47
C ALA B 137 11.56 -5.37 13.05
N ASN B 138 10.67 -5.88 12.21
CA ASN B 138 9.62 -6.76 12.71
C ASN B 138 9.09 -7.58 11.56
N ILE B 139 8.76 -8.85 11.83
CA ILE B 139 8.14 -9.67 10.78
C ILE B 139 6.90 -10.34 11.31
N VAL B 140 5.76 -10.14 10.65
CA VAL B 140 4.54 -10.78 11.13
C VAL B 140 4.00 -11.65 9.99
N ASP B 141 3.87 -12.95 10.25
CA ASP B 141 3.45 -13.88 9.21
C ASP B 141 1.94 -14.09 9.24
N VAL B 142 1.31 -13.76 8.13
CA VAL B 142 -0.16 -13.73 8.05
C VAL B 142 -0.56 -14.51 6.78
N GLY B 143 -1.30 -15.59 6.96
CA GLY B 143 -1.65 -16.42 5.80
C GLY B 143 -0.39 -16.82 5.06
N SER B 144 -0.38 -16.67 3.74
CA SER B 144 0.77 -17.14 2.94
C SER B 144 1.94 -16.17 2.95
N HIS B 145 1.75 -14.96 3.52
CA HIS B 145 2.74 -13.90 3.35
C HIS B 145 3.46 -13.50 4.63
N SER B 146 4.66 -12.97 4.47
CA SER B 146 5.34 -12.32 5.56
C SER B 146 5.12 -10.82 5.40
N VAL B 147 4.68 -10.20 6.49
CA VAL B 147 4.51 -8.76 6.55
C VAL B 147 5.73 -8.21 7.24
N ILE B 148 6.55 -7.56 6.43
CA ILE B 148 7.90 -7.16 6.86
C ILE B 148 7.87 -5.67 7.14
N PHE B 149 8.15 -5.30 8.40
CA PHE B 149 8.26 -3.88 8.81
C PHE B 149 9.72 -3.46 8.78
N ALA B 150 10.02 -2.39 8.05
CA ALA B 150 11.43 -2.03 7.87
C ALA B 150 11.60 -0.55 8.14
N GLU B 151 12.68 -0.17 8.85
CA GLU B 151 12.94 1.23 9.16
C GLU B 151 13.88 1.83 8.14
N VAL B 152 13.60 3.04 7.72
CA VAL B 152 14.34 3.65 6.59
C VAL B 152 15.64 4.31 7.11
N VAL B 153 16.78 3.90 6.57
CA VAL B 153 18.04 4.45 7.06
C VAL B 153 18.70 5.37 6.02
N ALA B 154 18.27 5.27 4.77
CA ALA B 154 18.74 6.17 3.70
C ALA B 154 17.76 6.18 2.58
N ARG B 155 17.83 7.22 1.76
CA ARG B 155 16.93 7.28 0.63
C ARG B 155 17.70 7.75 -0.55
N ASN B 156 17.20 7.45 -1.74
CA ASN B 156 17.70 8.14 -2.89
C ASN B 156 16.62 8.82 -3.62
N HIS B 157 17.07 10.03 -4.00
CA HIS B 157 16.39 11.18 -4.54
C HIS B 157 16.63 11.31 -6.05
N ALA B 158 15.73 10.78 -6.85
CA ALA B 158 15.80 10.92 -8.28
C ALA B 158 15.05 12.21 -8.75
N GLU B 159 15.19 12.58 -10.02
CA GLU B 159 14.53 13.81 -10.51
C GLU B 159 13.16 13.60 -11.12
N GLU B 160 12.18 14.32 -10.56
CA GLU B 160 10.78 14.44 -11.04
C GLU B 160 10.02 13.20 -11.57
N CYS B 161 10.03 12.10 -10.82
CA CYS B 161 9.65 10.79 -11.36
C CYS B 161 8.18 10.33 -11.32
N THR B 162 7.56 10.48 -12.49
CA THR B 162 6.26 9.93 -12.77
C THR B 162 6.24 8.42 -12.49
N PRO B 163 5.17 7.96 -11.88
CA PRO B 163 5.12 6.61 -11.32
C PRO B 163 4.82 5.53 -12.33
N LEU B 164 5.32 4.33 -12.05
CA LEU B 164 4.82 3.15 -12.72
C LEU B 164 3.73 2.57 -11.81
N ILE B 165 2.55 2.38 -12.37
CA ILE B 165 1.38 1.93 -11.65
C ILE B 165 0.91 0.61 -12.26
N TYR B 166 0.30 -0.22 -11.45
CA TYR B 166 -0.29 -1.44 -11.98
C TYR B 166 -1.78 -1.42 -11.71
N HIS B 167 -2.58 -1.70 -12.73
CA HIS B 167 -4.01 -1.61 -12.62
C HIS B 167 -4.68 -2.51 -13.69
N ARG B 168 -5.61 -3.35 -13.27
CA ARG B 168 -6.27 -4.24 -14.22
C ARG B 168 -5.26 -4.95 -15.08
N ARG B 169 -4.24 -5.49 -14.44
CA ARG B 169 -3.28 -6.39 -15.09
C ARG B 169 -2.47 -5.71 -16.18
N GLN B 170 -2.40 -4.38 -16.16
CA GLN B 170 -1.53 -3.64 -17.09
C GLN B 170 -0.76 -2.56 -16.38
N TYR B 171 0.42 -2.25 -16.91
CA TYR B 171 1.17 -1.09 -16.43
C TYR B 171 0.50 0.22 -16.83
N ALA B 172 0.70 1.25 -16.04
CA ALA B 172 0.16 2.56 -16.36
C ALA B 172 1.01 3.58 -15.69
N THR B 173 0.75 4.84 -16.03
CA THR B 173 1.37 5.92 -15.33
C THR B 173 0.27 6.89 -15.06
N THR B 174 0.61 8.05 -14.48
CA THR B 174 -0.41 9.00 -14.06
C THR B 174 -0.68 10.08 -15.10
N ARG B 175 -1.91 10.58 -15.11
CA ARG B 175 -2.23 11.85 -15.78
C ARG B 175 -3.03 12.72 -14.81
N SER B 176 -3.14 14.02 -15.07
CA SER B 176 -3.94 14.86 -14.19
C SER B 176 -5.42 14.60 -14.42
N LEU B 177 -6.24 15.00 -13.44
CA LEU B 177 -7.66 14.67 -13.46
C LEU B 177 -8.45 15.29 -14.64
#